data_7RYL
#
_entry.id   7RYL
#
_cell.length_a   50.987
_cell.length_b   76.414
_cell.length_c   113.148
_cell.angle_alpha   90.000
_cell.angle_beta   90.000
_cell.angle_gamma   90.000
#
_symmetry.space_group_name_H-M   'P 21 21 21'
#
loop_
_entity.id
_entity.type
_entity.pdbx_description
1 polymer 'T cell receptor gamma variable 4,T cell receptor beta constant 1'
2 polymer 'T cell receptor delta variable 1,T cell receptor alpha chain constant'
3 non-polymer 1,2-ETHANEDIOL
4 non-polymer 'SULFATE ION'
5 water water
#
loop_
_entity_poly.entity_id
_entity_poly.type
_entity_poly.pdbx_seq_one_letter_code
_entity_poly.pdbx_strand_id
1 'polypeptide(L)'
;MASSNLEGRTKSVIRQTGSSAEITCDLAEGSTGYIHWYLHQEGKAPQRLLYYDSYTSSVVLESGISPGKYDTYGSTRKNL
RMILRNLIENDSGVYYCATWDGDYYKKLFGSGTTLVVTEDLKNVFPPEVAVFEPSEAEISHTQKATLVCLATGFYPDHVE
LSWWVNGKEVHSGVCTDPQPLKEQPALNDSRYALSSRLRVSATFWQNPRNHFRCQVQFYGLSENDEWTQDRAKPVTQIVS
AEAWGRAD
;
C
2 'polypeptide(L)'
;MAQKVTQAQSSVSMPVRKAVTLNCLYETSWWSYYIFWYKQLPSKEMIFLIRQGSDEQNAKSGRYSVNFKKAAKSVALTIS
ALQLEDSAKYFCALGELRWPDKLIFGKGTRVTVEPNIQNPDPAVYQLRDSKSSDKSVCLFTDFDSQTNVSQSKDSDVYIT
DKCVLDMRSMDFKSNSAVAWSNKSDFACANAFNNSIIPEDTFFPSPESS
;
D
#
# COMPACT_ATOMS: atom_id res chain seq x y z
N GLY A 8 -15.01 -1.01 11.81
CA GLY A 8 -14.61 -2.34 11.38
C GLY A 8 -14.67 -2.53 9.88
N ARG A 9 -13.49 -2.60 9.25
CA ARG A 9 -13.39 -2.71 7.80
C ARG A 9 -13.36 -4.17 7.38
N THR A 10 -14.11 -4.48 6.31
CA THR A 10 -14.10 -5.81 5.72
C THR A 10 -12.88 -6.06 4.85
N LYS A 11 -12.08 -5.03 4.55
CA LYS A 11 -10.90 -5.21 3.71
C LYS A 11 -9.69 -5.74 4.49
N SER A 12 -9.71 -5.68 5.81
CA SER A 12 -8.61 -6.17 6.64
C SER A 12 -9.13 -7.25 7.58
N VAL A 13 -8.52 -8.43 7.50
CA VAL A 13 -8.87 -9.56 8.36
C VAL A 13 -7.60 -10.08 9.02
N ILE A 14 -7.67 -10.32 10.32
CA ILE A 14 -6.55 -10.84 11.09
C ILE A 14 -7.03 -12.10 11.81
N ARG A 15 -6.32 -13.21 11.59
CA ARG A 15 -6.71 -14.50 12.14
C ARG A 15 -5.49 -15.21 12.70
N GLN A 16 -5.73 -16.08 13.67
CA GLN A 16 -4.70 -16.95 14.19
C GLN A 16 -4.67 -18.24 13.38
N THR A 17 -3.49 -18.85 13.30
CA THR A 17 -3.34 -20.13 12.62
C THR A 17 -4.33 -21.15 13.15
N GLY A 18 -5.00 -21.85 12.24
CA GLY A 18 -5.94 -22.88 12.60
C GLY A 18 -7.39 -22.46 12.58
N SER A 19 -7.69 -21.17 12.48
CA SER A 19 -9.06 -20.70 12.46
C SER A 19 -9.54 -20.58 11.01
N SER A 20 -10.71 -19.99 10.83
CA SER A 20 -11.27 -19.77 9.50
C SER A 20 -11.55 -18.29 9.30
N ALA A 21 -11.59 -17.88 8.03
CA ALA A 21 -11.88 -16.50 7.69
C ALA A 21 -12.76 -16.47 6.45
N GLU A 22 -13.85 -15.72 6.53
CA GLU A 22 -14.73 -15.51 5.39
C GLU A 22 -14.33 -14.22 4.69
N ILE A 23 -14.13 -14.30 3.37
CA ILE A 23 -13.80 -13.16 2.54
C ILE A 23 -14.97 -12.91 1.62
N THR A 24 -15.46 -11.68 1.59
CA THR A 24 -16.64 -11.35 0.82
C THR A 24 -16.25 -10.68 -0.50
N CYS A 25 -17.11 -10.86 -1.51
CA CYS A 25 -16.88 -10.31 -2.83
C CYS A 25 -17.82 -9.13 -3.04
N ASP A 26 -17.24 -7.98 -3.37
CA ASP A 26 -18.01 -6.76 -3.58
C ASP A 26 -18.54 -6.61 -5.00
N LEU A 27 -18.23 -7.55 -5.89
CA LEU A 27 -18.77 -7.53 -7.24
C LEU A 27 -20.11 -8.25 -7.30
N ALA A 28 -21.02 -7.70 -8.10
CA ALA A 28 -22.33 -8.32 -8.28
C ALA A 28 -22.23 -9.52 -9.21
N GLU A 29 -22.92 -10.59 -8.85
CA GLU A 29 -22.91 -11.83 -9.61
C GLU A 29 -24.21 -11.95 -10.41
N GLY A 30 -24.09 -12.20 -11.71
CA GLY A 30 -25.24 -12.37 -12.56
C GLY A 30 -25.61 -13.82 -12.80
N GLY A 33 -22.91 -15.41 -14.63
CA GLY A 33 -21.47 -15.47 -14.86
C GLY A 33 -20.66 -16.11 -13.74
N TYR A 34 -19.37 -16.32 -13.99
CA TYR A 34 -18.48 -16.92 -13.01
C TYR A 34 -17.86 -15.87 -12.12
N ILE A 35 -17.70 -16.20 -10.84
CA ILE A 35 -16.96 -15.40 -9.88
C ILE A 35 -15.64 -16.09 -9.62
N HIS A 36 -14.54 -15.40 -9.93
CA HIS A 36 -13.19 -15.92 -9.77
C HIS A 36 -12.54 -15.28 -8.54
N TRP A 37 -11.69 -16.06 -7.87
CA TRP A 37 -10.95 -15.59 -6.71
C TRP A 37 -9.46 -15.69 -6.96
N TYR A 38 -8.75 -14.61 -6.70
CA TYR A 38 -7.31 -14.52 -6.90
C TYR A 38 -6.63 -14.25 -5.56
N LEU A 39 -5.48 -14.87 -5.34
CA LEU A 39 -4.63 -14.56 -4.21
C LEU A 39 -3.38 -13.84 -4.70
N HIS A 40 -3.07 -12.72 -4.08
CA HIS A 40 -1.88 -11.94 -4.42
C HIS A 40 -1.01 -11.85 -3.17
N GLN A 41 0.10 -12.56 -3.17
CA GLN A 41 1.06 -12.48 -2.08
C GLN A 41 2.22 -11.58 -2.47
N GLU A 42 2.88 -11.06 -1.44
CA GLU A 42 3.95 -10.07 -1.62
C GLU A 42 5.01 -10.59 -2.58
N GLY A 43 5.28 -9.80 -3.63
CA GLY A 43 6.32 -10.11 -4.58
C GLY A 43 6.03 -11.25 -5.52
N LYS A 44 4.86 -11.86 -5.43
CA LYS A 44 4.48 -12.98 -6.28
C LYS A 44 3.37 -12.56 -7.23
N ALA A 45 3.14 -13.39 -8.24
CA ALA A 45 2.10 -13.09 -9.21
C ALA A 45 0.72 -13.43 -8.65
N PRO A 46 -0.27 -12.56 -8.85
CA PRO A 46 -1.65 -12.95 -8.54
C PRO A 46 -2.02 -14.25 -9.23
N GLN A 47 -2.64 -15.15 -8.47
CA GLN A 47 -2.97 -16.50 -8.91
C GLN A 47 -4.44 -16.77 -8.63
N ARG A 48 -5.14 -17.34 -9.59
CA ARG A 48 -6.51 -17.75 -9.33
C ARG A 48 -6.53 -19.00 -8.47
N LEU A 49 -7.36 -19.00 -7.43
CA LEU A 49 -7.50 -20.18 -6.59
C LEU A 49 -8.66 -21.07 -7.03
N LEU A 50 -9.76 -20.46 -7.45
CA LEU A 50 -10.97 -21.20 -7.80
C LEU A 50 -11.95 -20.22 -8.42
N TYR A 51 -13.03 -20.76 -8.97
CA TYR A 51 -14.12 -19.92 -9.44
C TYR A 51 -15.41 -20.72 -9.34
N TYR A 52 -16.53 -20.01 -9.16
CA TYR A 52 -17.81 -20.68 -8.98
C TYR A 52 -18.91 -19.87 -9.63
N ASP A 53 -20.06 -20.53 -9.77
CA ASP A 53 -21.28 -19.94 -10.31
C ASP A 53 -22.42 -20.32 -9.37
N SER A 54 -22.97 -19.32 -8.67
CA SER A 54 -24.07 -19.60 -7.75
C SER A 54 -25.31 -20.10 -8.47
N TYR A 55 -25.47 -19.76 -9.75
CA TYR A 55 -26.67 -20.16 -10.48
C TYR A 55 -26.70 -21.67 -10.72
N THR A 56 -25.57 -22.24 -11.12
CA THR A 56 -25.46 -23.67 -11.29
C THR A 56 -24.97 -24.38 -10.04
N SER A 57 -24.57 -23.63 -9.01
CA SER A 57 -24.04 -24.19 -7.77
C SER A 57 -22.82 -25.08 -8.04
N SER A 58 -21.95 -24.62 -8.95
CA SER A 58 -20.79 -25.38 -9.38
C SER A 58 -19.52 -24.62 -9.02
N VAL A 59 -18.52 -25.37 -8.53
CA VAL A 59 -17.26 -24.81 -8.05
C VAL A 59 -16.12 -25.50 -8.78
N VAL A 60 -15.22 -24.71 -9.34
CA VAL A 60 -14.05 -25.23 -10.04
C VAL A 60 -12.81 -24.81 -9.27
N LEU A 61 -12.10 -25.80 -8.71
CA LEU A 61 -10.84 -25.57 -8.02
C LEU A 61 -9.67 -25.68 -8.99
N GLU A 62 -8.69 -24.80 -8.81
CA GLU A 62 -7.45 -24.91 -9.57
C GLU A 62 -6.65 -26.13 -9.11
N SER A 63 -5.77 -26.59 -10.01
CA SER A 63 -4.95 -27.75 -9.70
C SER A 63 -3.99 -27.46 -8.55
N GLY A 64 -3.81 -28.45 -7.68
CA GLY A 64 -2.92 -28.32 -6.54
C GLY A 64 -3.57 -27.80 -5.28
N ILE A 65 -4.90 -27.81 -5.19
CA ILE A 65 -5.62 -27.28 -4.04
C ILE A 65 -6.53 -28.37 -3.51
N SER A 66 -6.34 -28.74 -2.24
CA SER A 66 -7.19 -29.76 -1.64
C SER A 66 -8.62 -29.25 -1.54
N PRO A 67 -9.62 -30.11 -1.76
CA PRO A 67 -11.01 -29.63 -1.77
C PRO A 67 -11.52 -29.11 -0.43
N GLY A 68 -10.82 -29.38 0.67
CA GLY A 68 -11.23 -28.89 1.97
C GLY A 68 -10.65 -27.55 2.40
N LYS A 69 -9.91 -26.87 1.51
CA LYS A 69 -9.26 -25.63 1.91
C LYS A 69 -10.22 -24.45 1.84
N TYR A 70 -11.00 -24.35 0.77
CA TYR A 70 -11.91 -23.22 0.57
C TYR A 70 -13.33 -23.75 0.49
N ASP A 71 -14.12 -23.50 1.53
CA ASP A 71 -15.52 -23.89 1.57
C ASP A 71 -16.39 -22.80 0.99
N THR A 72 -17.43 -23.21 0.26
CA THR A 72 -18.33 -22.29 -0.40
C THR A 72 -19.79 -22.43 0.00
N TYR A 73 -20.17 -23.52 0.67
CA TYR A 73 -21.55 -23.80 0.99
C TYR A 73 -21.81 -23.62 2.48
N GLY A 74 -22.93 -24.14 2.96
CA GLY A 74 -23.31 -23.98 4.36
C GLY A 74 -23.86 -22.61 4.71
N SER A 75 -24.14 -21.78 3.72
CA SER A 75 -24.66 -20.43 3.94
C SER A 75 -26.16 -20.46 4.07
N THR A 76 -26.68 -19.90 5.16
CA THR A 76 -28.11 -19.91 5.42
C THR A 76 -28.88 -19.13 4.35
N ARG A 77 -29.14 -19.79 3.21
CA ARG A 77 -29.83 -19.20 2.07
C ARG A 77 -29.11 -17.93 1.60
N LYS A 78 -27.91 -18.15 1.06
CA LYS A 78 -27.10 -17.07 0.53
C LYS A 78 -26.33 -17.57 -0.68
N ASN A 79 -25.73 -16.62 -1.41
CA ASN A 79 -24.88 -16.98 -2.53
C ASN A 79 -23.67 -17.77 -2.06
N LEU A 80 -22.97 -18.36 -3.01
CA LEU A 80 -21.75 -19.09 -2.66
C LEU A 80 -20.76 -18.14 -2.01
N ARG A 81 -20.08 -18.63 -0.97
CA ARG A 81 -19.18 -17.81 -0.19
C ARG A 81 -17.74 -18.25 -0.40
N MET A 82 -16.82 -17.43 0.07
CA MET A 82 -15.40 -17.73 0.08
C MET A 82 -14.96 -17.81 1.54
N ILE A 83 -14.89 -19.02 2.09
CA ILE A 83 -14.51 -19.24 3.48
C ILE A 83 -13.26 -20.11 3.51
N LEU A 84 -12.16 -19.55 4.02
CA LEU A 84 -10.89 -20.25 4.09
C LEU A 84 -10.82 -21.03 5.40
N ARG A 85 -10.55 -22.32 5.30
CA ARG A 85 -10.48 -23.19 6.46
C ARG A 85 -9.03 -23.53 6.79
N ASN A 86 -8.79 -23.87 8.07
CA ASN A 86 -7.50 -24.33 8.56
C ASN A 86 -6.36 -23.38 8.14
N LEU A 87 -6.52 -22.12 8.54
CA LEU A 87 -5.59 -21.09 8.10
C LEU A 87 -4.17 -21.37 8.58
N ILE A 88 -3.21 -21.13 7.70
CA ILE A 88 -1.79 -21.16 8.02
C ILE A 88 -1.20 -19.82 7.61
N GLU A 89 0.04 -19.56 8.04
CA GLU A 89 0.67 -18.29 7.71
C GLU A 89 0.78 -18.07 6.21
N ASN A 90 0.95 -19.15 5.45
CA ASN A 90 1.06 -19.05 3.99
C ASN A 90 -0.24 -18.65 3.32
N ASP A 91 -1.36 -18.61 4.06
CA ASP A 91 -2.59 -18.05 3.49
C ASP A 91 -2.61 -16.53 3.52
N SER A 92 -1.63 -15.89 4.16
CA SER A 92 -1.58 -14.44 4.21
C SER A 92 -1.39 -13.86 2.82
N GLY A 93 -2.12 -12.79 2.53
CA GLY A 93 -2.04 -12.15 1.23
C GLY A 93 -3.26 -11.30 1.00
N VAL A 94 -3.37 -10.79 -0.22
CA VAL A 94 -4.51 -10.00 -0.65
C VAL A 94 -5.39 -10.86 -1.55
N TYR A 95 -6.67 -10.94 -1.22
CA TYR A 95 -7.63 -11.74 -1.97
C TYR A 95 -8.52 -10.82 -2.78
N TYR A 96 -8.63 -11.11 -4.08
CA TYR A 96 -9.51 -10.39 -4.99
C TYR A 96 -10.52 -11.36 -5.57
N CYS A 97 -11.77 -10.91 -5.67
CA CYS A 97 -12.71 -11.56 -6.56
C CYS A 97 -12.74 -10.81 -7.88
N ALA A 98 -13.10 -11.53 -8.93
CA ALA A 98 -13.03 -10.97 -10.27
C ALA A 98 -14.11 -11.59 -11.15
N THR A 99 -14.58 -10.83 -12.12
CA THR A 99 -15.50 -11.36 -13.11
C THR A 99 -15.27 -10.66 -14.44
N TRP A 100 -15.49 -11.40 -15.52
CA TRP A 100 -15.38 -10.82 -16.85
C TRP A 100 -16.55 -9.89 -17.11
N ASP A 101 -16.28 -8.78 -17.79
CA ASP A 101 -17.33 -7.90 -18.26
C ASP A 101 -18.31 -8.66 -19.15
N GLY A 102 -19.50 -8.09 -19.29
CA GLY A 102 -20.51 -8.70 -20.15
C GLY A 102 -20.06 -8.78 -21.60
N ASP A 103 -19.33 -7.78 -22.08
CA ASP A 103 -18.78 -7.82 -23.43
C ASP A 103 -17.41 -8.47 -23.48
N TYR A 104 -16.96 -9.08 -22.37
CA TYR A 104 -15.70 -9.80 -22.30
C TYR A 104 -14.51 -8.96 -22.78
N TYR A 105 -14.61 -7.63 -22.67
CA TYR A 105 -13.48 -6.79 -23.05
C TYR A 105 -12.33 -6.96 -22.09
N LYS A 106 -12.61 -6.87 -20.78
CA LYS A 106 -11.58 -7.05 -19.77
C LYS A 106 -12.20 -7.72 -18.55
N LYS A 107 -11.35 -8.09 -17.60
CA LYS A 107 -11.77 -8.76 -16.37
C LYS A 107 -11.76 -7.74 -15.23
N LEU A 108 -12.90 -7.59 -14.56
CA LEU A 108 -13.05 -6.60 -13.51
C LEU A 108 -12.70 -7.22 -12.15
N PHE A 109 -11.85 -6.53 -11.39
CA PHE A 109 -11.47 -6.95 -10.06
C PHE A 109 -12.19 -6.09 -9.02
N GLY A 110 -12.55 -6.71 -7.89
CA GLY A 110 -13.10 -5.97 -6.77
C GLY A 110 -11.97 -5.44 -5.89
N SER A 111 -12.37 -4.72 -4.85
CA SER A 111 -11.41 -4.25 -3.86
C SER A 111 -10.75 -5.45 -3.18
N GLY A 112 -9.45 -5.35 -2.93
CA GLY A 112 -8.74 -6.45 -2.30
C GLY A 112 -9.00 -6.51 -0.79
N THR A 113 -9.15 -7.73 -0.29
CA THR A 113 -9.21 -8.01 1.14
C THR A 113 -7.84 -8.51 1.57
N THR A 114 -7.25 -7.86 2.58
CA THR A 114 -5.93 -8.22 3.06
C THR A 114 -6.05 -9.10 4.30
N LEU A 115 -5.54 -10.32 4.21
CA LEU A 115 -5.61 -11.31 5.28
C LEU A 115 -4.22 -11.54 5.86
N VAL A 116 -4.10 -11.44 7.19
CA VAL A 116 -2.89 -11.78 7.91
C VAL A 116 -3.22 -12.92 8.87
N VAL A 117 -2.53 -14.05 8.70
CA VAL A 117 -2.65 -15.20 9.58
C VAL A 117 -1.40 -15.26 10.44
N THR A 118 -1.56 -15.15 11.76
CA THR A 118 -0.45 -15.07 12.69
C THR A 118 -0.48 -16.26 13.65
N GLU A 119 0.71 -16.65 14.12
CA GLU A 119 0.82 -17.81 15.00
C GLU A 119 0.12 -17.59 16.33
N ASP A 120 0.12 -16.35 16.83
CA ASP A 120 -0.55 -16.02 18.08
C ASP A 120 -1.10 -14.61 18.00
N LEU A 121 -2.39 -14.46 18.36
CA LEU A 121 -3.03 -13.15 18.37
C LEU A 121 -2.41 -12.22 19.40
N LYS A 122 -1.59 -12.72 20.32
CA LYS A 122 -0.85 -11.85 21.22
C LYS A 122 0.20 -11.01 20.48
N ASN A 123 0.48 -11.32 19.22
CA ASN A 123 1.40 -10.51 18.43
C ASN A 123 0.75 -9.24 17.90
N VAL A 124 -0.55 -9.05 18.13
CA VAL A 124 -1.30 -7.91 17.58
C VAL A 124 -1.19 -6.74 18.54
N PHE A 125 -0.79 -5.57 18.02
CA PHE A 125 -0.64 -4.38 18.81
C PHE A 125 -1.23 -3.18 18.06
N PRO A 126 -1.90 -2.27 18.76
CA PRO A 126 -2.31 -1.01 18.13
C PRO A 126 -1.13 -0.05 18.08
N PRO A 127 -1.20 1.00 17.26
CA PRO A 127 -0.11 1.97 17.22
C PRO A 127 -0.17 2.95 18.37
N GLU A 128 1.02 3.37 18.80
CA GLU A 128 1.18 4.63 19.50
C GLU A 128 1.40 5.72 18.46
N VAL A 129 0.86 6.91 18.72
CA VAL A 129 0.88 7.99 17.75
C VAL A 129 1.44 9.24 18.43
N ALA A 130 2.35 9.92 17.74
CA ALA A 130 2.93 11.15 18.24
C ALA A 130 3.09 12.13 17.10
N VAL A 131 2.80 13.40 17.38
CA VAL A 131 2.95 14.48 16.40
C VAL A 131 4.11 15.36 16.84
N PHE A 132 5.00 15.67 15.92
CA PHE A 132 6.18 16.46 16.18
C PHE A 132 6.02 17.81 15.50
N GLU A 133 6.23 18.88 16.27
CA GLU A 133 5.97 20.25 15.83
C GLU A 133 7.08 20.75 14.91
N PRO A 134 6.75 21.65 13.98
CA PRO A 134 7.73 22.11 12.99
C PRO A 134 8.92 22.81 13.63
N SER A 135 10.07 22.69 12.96
CA SER A 135 11.29 23.36 13.38
C SER A 135 11.23 24.86 13.09
N GLU A 136 11.69 25.66 14.05
CA GLU A 136 11.79 27.10 13.82
C GLU A 136 12.81 27.41 12.73
N ALA A 137 13.83 26.57 12.56
CA ALA A 137 14.79 26.79 11.48
C ALA A 137 14.12 26.66 10.11
N GLU A 138 13.20 25.70 9.95
CA GLU A 138 12.49 25.57 8.68
C GLU A 138 11.55 26.75 8.45
N ILE A 139 10.82 27.16 9.49
CA ILE A 139 9.94 28.31 9.37
C ILE A 139 10.73 29.54 8.91
N SER A 140 11.84 29.83 9.58
CA SER A 140 12.60 31.03 9.28
C SER A 140 13.25 30.97 7.90
N HIS A 141 13.65 29.79 7.44
CA HIS A 141 14.36 29.70 6.17
C HIS A 141 13.42 29.57 4.98
N THR A 142 12.31 28.85 5.13
CA THR A 142 11.46 28.51 4.00
C THR A 142 10.08 29.13 4.03
N GLN A 143 9.66 29.73 5.16
N GLN A 143 9.66 29.72 5.15
CA GLN A 143 8.31 30.24 5.36
CA GLN A 143 8.32 30.26 5.34
C GLN A 143 7.27 29.14 5.30
C GLN A 143 7.26 29.15 5.29
N LYS A 144 7.70 27.90 5.47
CA LYS A 144 6.81 26.75 5.54
C LYS A 144 7.07 26.01 6.85
N ALA A 145 6.15 25.13 7.21
CA ALA A 145 6.22 24.43 8.49
C ALA A 145 5.77 23.00 8.28
N THR A 146 6.68 22.05 8.45
CA THR A 146 6.40 20.63 8.30
C THR A 146 6.16 20.01 9.67
N LEU A 147 4.95 19.47 9.87
CA LEU A 147 4.67 18.60 11.00
C LEU A 147 4.95 17.16 10.62
N VAL A 148 5.36 16.36 11.60
CA VAL A 148 5.64 14.94 11.36
C VAL A 148 4.82 14.10 12.31
N CYS A 149 4.15 13.09 11.77
CA CYS A 149 3.41 12.13 12.56
C CYS A 149 4.12 10.79 12.53
N LEU A 150 4.27 10.17 13.70
CA LEU A 150 4.93 8.88 13.84
C LEU A 150 3.97 7.89 14.48
N ALA A 151 3.65 6.83 13.75
CA ALA A 151 2.88 5.71 14.28
C ALA A 151 3.83 4.54 14.48
N THR A 152 3.91 4.04 15.72
CA THR A 152 4.93 3.07 16.08
C THR A 152 4.34 1.89 16.83
N GLY A 153 4.99 0.73 16.68
CA GLY A 153 4.71 -0.43 17.49
C GLY A 153 3.46 -1.21 17.15
N PHE A 154 2.92 -1.07 15.93
CA PHE A 154 1.67 -1.73 15.59
C PHE A 154 1.90 -3.00 14.78
N TYR A 155 0.97 -3.95 14.92
CA TYR A 155 0.95 -5.19 14.16
C TYR A 155 -0.47 -5.73 14.14
N PRO A 156 -0.99 -6.17 12.98
CA PRO A 156 -0.27 -6.18 11.70
C PRO A 156 -0.18 -4.81 11.05
N ASP A 157 0.31 -4.75 9.82
CA ASP A 157 0.50 -3.46 9.13
C ASP A 157 -0.78 -3.01 8.42
N HIS A 158 -1.90 -2.99 9.15
CA HIS A 158 -3.20 -2.63 8.60
C HIS A 158 -3.61 -1.29 9.22
N VAL A 159 -3.04 -0.21 8.70
CA VAL A 159 -3.35 1.12 9.22
C VAL A 159 -3.68 2.05 8.08
N GLU A 160 -4.46 3.09 8.39
CA GLU A 160 -4.75 4.19 7.47
C GLU A 160 -4.49 5.47 8.24
N LEU A 161 -3.50 6.24 7.78
CA LEU A 161 -3.09 7.46 8.44
C LEU A 161 -3.67 8.66 7.69
N SER A 162 -4.29 9.58 8.43
CA SER A 162 -4.86 10.79 7.84
C SER A 162 -4.56 11.99 8.72
N TRP A 163 -4.55 13.15 8.09
CA TRP A 163 -4.34 14.43 8.78
C TRP A 163 -5.64 15.21 8.80
N TRP A 164 -5.91 15.85 9.95
CA TRP A 164 -7.13 16.60 10.14
C TRP A 164 -6.75 17.98 10.67
N VAL A 165 -7.20 19.02 9.98
CA VAL A 165 -6.88 20.39 10.31
C VAL A 165 -8.17 21.12 10.59
N ASN A 166 -8.31 21.62 11.83
CA ASN A 166 -9.54 22.27 12.27
C ASN A 166 -10.76 21.40 11.96
N GLY A 167 -10.63 20.11 12.24
CA GLY A 167 -11.75 19.19 12.15
C GLY A 167 -12.01 18.60 10.78
N LYS A 168 -11.23 18.96 9.76
CA LYS A 168 -11.49 18.50 8.41
C LYS A 168 -10.26 17.77 7.86
N GLU A 169 -10.51 16.64 7.19
CA GLU A 169 -9.41 15.87 6.62
C GLU A 169 -8.79 16.62 5.45
N VAL A 170 -7.47 16.66 5.40
CA VAL A 170 -6.77 17.38 4.35
C VAL A 170 -6.18 16.40 3.35
N HIS A 171 -6.10 16.84 2.10
CA HIS A 171 -5.66 15.99 0.99
C HIS A 171 -4.56 16.65 0.18
N SER A 172 -3.90 17.67 0.72
CA SER A 172 -2.80 18.33 0.03
C SER A 172 -1.74 18.70 1.06
N GLY A 173 -0.49 18.73 0.61
CA GLY A 173 0.60 19.01 1.54
C GLY A 173 0.94 17.85 2.43
N VAL A 174 0.53 16.64 2.05
CA VAL A 174 0.73 15.45 2.87
C VAL A 174 1.44 14.38 2.05
N CYS A 175 2.34 13.65 2.68
CA CYS A 175 2.74 12.37 2.13
C CYS A 175 3.07 11.44 3.29
N THR A 176 2.77 10.16 3.07
CA THR A 176 3.01 9.11 4.03
C THR A 176 3.96 8.10 3.41
N ASP A 177 4.85 7.53 4.22
CA ASP A 177 5.75 6.51 3.73
C ASP A 177 4.97 5.47 2.92
N PRO A 178 5.48 5.04 1.77
CA PRO A 178 4.74 4.05 0.97
C PRO A 178 4.62 2.71 1.66
N GLN A 179 5.56 2.38 2.54
CA GLN A 179 5.56 1.10 3.23
C GLN A 179 5.98 1.34 4.67
N PRO A 180 5.31 0.74 5.64
CA PRO A 180 5.82 0.77 7.01
C PRO A 180 7.12 -0.01 7.08
N LEU A 181 7.97 0.37 8.04
CA LEU A 181 9.21 -0.36 8.25
C LEU A 181 9.09 -1.25 9.48
N LYS A 182 9.86 -2.33 9.49
CA LYS A 182 9.87 -3.24 10.62
C LYS A 182 10.79 -2.70 11.71
N GLU A 183 10.25 -2.54 12.91
CA GLU A 183 11.05 -2.07 14.03
C GLU A 183 12.08 -3.12 14.46
N GLN A 184 11.74 -4.40 14.33
CA GLN A 184 12.65 -5.51 14.64
C GLN A 184 12.66 -6.46 13.44
N PRO A 185 13.35 -6.08 12.36
CA PRO A 185 13.19 -6.80 11.08
C PRO A 185 13.64 -8.25 11.10
N ALA A 186 14.19 -8.73 12.20
CA ALA A 186 14.63 -10.11 12.33
C ALA A 186 13.60 -11.00 13.00
N LEU A 187 12.48 -10.44 13.47
CA LEU A 187 11.53 -11.21 14.27
C LEU A 187 10.47 -11.93 13.45
N ASN A 188 10.30 -11.57 12.17
CA ASN A 188 9.22 -12.06 11.32
C ASN A 188 7.86 -11.52 11.77
N ASP A 189 7.52 -11.71 13.05
N ASP A 189 7.53 -11.71 13.06
CA ASP A 189 6.34 -11.12 13.65
CA ASP A 189 6.33 -11.11 13.64
C ASP A 189 6.58 -9.69 14.14
C ASP A 189 6.57 -9.69 14.13
N SER A 190 7.50 -8.96 13.51
CA SER A 190 7.89 -7.65 14.00
C SER A 190 6.75 -6.65 13.92
N ARG A 191 6.66 -5.80 14.93
CA ARG A 191 5.78 -4.65 14.88
C ARG A 191 6.33 -3.63 13.89
N TYR A 192 5.49 -2.68 13.51
CA TYR A 192 5.79 -1.76 12.43
C TYR A 192 5.80 -0.32 12.90
N ALA A 193 6.42 0.53 12.08
CA ALA A 193 6.39 1.97 12.25
C ALA A 193 6.06 2.62 10.92
N LEU A 194 5.42 3.78 10.99
CA LEU A 194 5.02 4.51 9.79
C LEU A 194 5.08 5.99 10.11
N SER A 195 5.62 6.78 9.19
CA SER A 195 5.70 8.21 9.40
C SER A 195 4.93 8.93 8.29
N SER A 196 4.53 10.15 8.60
CA SER A 196 3.81 10.99 7.65
C SER A 196 4.18 12.44 7.91
N ARG A 197 4.09 13.25 6.86
CA ARG A 197 4.38 14.68 6.90
C ARG A 197 3.14 15.45 6.48
N LEU A 198 2.91 16.57 7.16
CA LEU A 198 1.96 17.58 6.72
C LEU A 198 2.67 18.92 6.69
N ARG A 199 2.66 19.59 5.54
CA ARG A 199 3.38 20.84 5.38
C ARG A 199 2.41 21.97 5.07
N VAL A 200 2.47 23.03 5.86
CA VAL A 200 1.63 24.19 5.72
C VAL A 200 2.53 25.43 5.66
N SER A 201 1.91 26.59 5.44
CA SER A 201 2.66 27.84 5.48
C SER A 201 3.05 28.17 6.91
N ALA A 202 4.11 28.96 7.05
CA ALA A 202 4.53 29.42 8.37
C ALA A 202 3.40 30.15 9.09
N THR A 203 2.66 31.01 8.37
CA THR A 203 1.64 31.81 9.03
C THR A 203 0.45 30.96 9.48
N PHE A 204 0.17 29.85 8.78
CA PHE A 204 -0.90 28.96 9.22
C PHE A 204 -0.49 28.19 10.47
N TRP A 205 0.76 27.75 10.54
CA TRP A 205 1.23 27.08 11.75
C TRP A 205 1.36 28.06 12.92
N GLN A 206 1.65 29.32 12.64
CA GLN A 206 1.84 30.30 13.70
C GLN A 206 0.54 30.80 14.30
N ASN A 207 -0.60 30.44 13.71
CA ASN A 207 -1.89 30.86 14.25
C ASN A 207 -2.30 29.88 15.35
N PRO A 208 -2.42 30.32 16.60
CA PRO A 208 -2.76 29.39 17.69
C PRO A 208 -4.18 28.83 17.61
N ARG A 209 -5.06 29.43 16.82
CA ARG A 209 -6.40 28.88 16.65
C ARG A 209 -6.40 27.62 15.79
N ASN A 210 -5.37 27.39 14.99
CA ASN A 210 -5.35 26.25 14.09
C ASN A 210 -5.01 24.98 14.84
N HIS A 211 -5.81 23.93 14.63
CA HIS A 211 -5.69 22.65 15.30
C HIS A 211 -5.26 21.60 14.30
N PHE A 212 -4.22 20.83 14.64
CA PHE A 212 -3.66 19.82 13.77
C PHE A 212 -3.77 18.46 14.47
N ARG A 213 -4.29 17.46 13.75
CA ARG A 213 -4.43 16.12 14.33
C ARG A 213 -4.01 15.07 13.32
N CYS A 214 -3.14 14.17 13.75
CA CYS A 214 -2.78 12.98 13.00
C CYS A 214 -3.60 11.82 13.55
N GLN A 215 -4.33 11.14 12.66
CA GLN A 215 -5.24 10.07 13.02
C GLN A 215 -4.78 8.76 12.38
N VAL A 216 -4.71 7.70 13.16
CA VAL A 216 -4.30 6.39 12.64
C VAL A 216 -5.43 5.41 12.90
N GLN A 217 -6.12 5.04 11.83
CA GLN A 217 -7.10 3.95 11.88
C GLN A 217 -6.36 2.62 11.89
N PHE A 218 -6.55 1.86 12.96
CA PHE A 218 -5.96 0.53 13.10
C PHE A 218 -7.06 -0.51 12.94
N TYR A 219 -6.83 -1.49 12.08
CA TYR A 219 -7.74 -2.61 11.92
C TYR A 219 -7.16 -3.80 12.70
N GLY A 220 -7.83 -4.17 13.79
CA GLY A 220 -7.33 -5.22 14.67
C GLY A 220 -8.35 -6.30 14.96
N LEU A 221 -8.45 -6.69 16.23
CA LEU A 221 -9.36 -7.75 16.64
C LEU A 221 -10.81 -7.28 16.67
N SER A 222 -11.73 -8.25 16.65
CA SER A 222 -13.16 -8.01 16.64
C SER A 222 -13.77 -8.44 17.99
N GLU A 223 -15.09 -8.42 18.06
CA GLU A 223 -15.80 -8.86 19.27
C GLU A 223 -15.88 -10.37 19.36
N ASN A 224 -15.87 -11.07 18.22
CA ASN A 224 -15.82 -12.53 18.26
C ASN A 224 -14.48 -13.03 18.80
N ASP A 225 -13.43 -12.23 18.65
CA ASP A 225 -12.09 -12.64 19.07
C ASP A 225 -11.99 -12.72 20.58
N GLU A 226 -11.17 -13.66 21.06
N GLU A 226 -11.18 -13.67 21.05
CA GLU A 226 -10.98 -13.89 22.48
CA GLU A 226 -11.01 -13.96 22.47
C GLU A 226 -9.82 -13.07 23.01
C GLU A 226 -9.72 -13.35 23.00
N TRP A 227 -9.93 -12.61 24.26
N TRP A 227 -8.57 -13.93 22.65
CA TRP A 227 -8.92 -11.74 24.85
CA TRP A 227 -7.27 -13.43 23.05
C TRP A 227 -8.78 -12.01 26.34
C TRP A 227 -7.08 -13.52 24.57
N THR A 228 -7.61 -11.60 26.88
N THR A 228 -5.83 -13.44 25.04
CA THR A 228 -7.34 -11.64 28.30
CA THR A 228 -5.54 -13.59 26.48
C THR A 228 -7.43 -10.24 28.90
C THR A 228 -4.13 -13.06 26.76
N GLN A 229 -6.32 -9.69 29.40
N GLN A 229 -4.05 -11.80 27.16
CA GLN A 229 -6.35 -8.39 30.05
CA GLN A 229 -2.78 -11.15 27.40
C GLN A 229 -4.98 -7.76 30.24
C GLN A 229 -3.01 -9.92 28.26
N ASP A 230 -3.91 -8.57 30.17
N ASP A 230 -2.00 -9.56 29.06
CA ASP A 230 -2.54 -8.11 30.37
CA ASP A 230 -2.09 -8.49 30.04
C ASP A 230 -2.28 -6.76 29.71
C ASP A 230 -1.93 -7.13 29.36
N ARG A 231 -2.84 -6.57 28.51
N ARG A 231 -3.01 -6.66 28.73
CA ARG A 231 -2.97 -5.27 27.88
CA ARG A 231 -3.12 -5.31 28.16
C ARG A 231 -4.38 -5.16 27.32
C ARG A 231 -4.50 -5.14 27.51
N ALA A 232 -4.80 -3.93 27.04
CA ALA A 232 -6.11 -3.69 26.44
C ALA A 232 -6.25 -4.46 25.13
N LYS A 233 -7.44 -4.99 24.89
CA LYS A 233 -7.71 -5.79 23.69
C LYS A 233 -7.42 -4.94 22.45
N PRO A 234 -6.47 -5.34 21.59
CA PRO A 234 -6.13 -4.49 20.45
C PRO A 234 -7.17 -4.58 19.34
N VAL A 235 -8.38 -4.07 19.64
CA VAL A 235 -9.48 -4.11 18.70
C VAL A 235 -9.25 -3.06 17.62
N THR A 236 -10.03 -3.14 16.55
CA THR A 236 -10.07 -2.08 15.57
C THR A 236 -10.41 -0.77 16.25
N GLN A 237 -9.62 0.27 15.98
CA GLN A 237 -9.72 1.51 16.75
C GLN A 237 -9.00 2.63 16.00
N ILE A 238 -9.24 3.85 16.46
CA ILE A 238 -8.56 5.04 15.97
C ILE A 238 -7.73 5.61 17.12
N VAL A 239 -6.43 5.78 16.88
CA VAL A 239 -5.50 6.42 17.81
C VAL A 239 -5.03 7.71 17.16
N SER A 240 -5.05 8.81 17.92
CA SER A 240 -4.67 10.10 17.37
C SER A 240 -3.67 10.81 18.26
N ALA A 241 -2.97 11.78 17.67
CA ALA A 241 -2.16 12.75 18.41
C ALA A 241 -2.38 14.10 17.77
N GLU A 242 -2.40 15.16 18.59
CA GLU A 242 -2.77 16.48 18.11
C GLU A 242 -1.78 17.54 18.60
N ALA A 243 -1.75 18.65 17.86
CA ALA A 243 -0.94 19.81 18.20
C ALA A 243 -1.67 21.06 17.73
N TRP A 244 -1.55 22.14 18.51
CA TRP A 244 -2.11 23.43 18.16
C TRP A 244 -1.02 24.36 17.63
N GLY A 245 -1.44 25.37 16.87
CA GLY A 245 -0.49 26.34 16.37
C GLY A 245 0.12 27.16 17.49
N ARG A 246 1.30 27.72 17.20
CA ARG A 246 1.99 28.57 18.17
C ARG A 246 2.79 29.63 17.42
N ALA A 247 2.76 30.85 17.93
CA ALA A 247 3.44 31.97 17.29
C ALA A 247 4.92 32.03 17.62
N ASP A 248 5.35 31.45 18.73
CA ASP A 248 6.76 31.46 19.11
C ASP A 248 7.49 30.24 18.55
N ALA B 2 1.91 -24.52 -22.31
CA ALA B 2 2.01 -23.88 -21.00
C ALA B 2 2.01 -22.36 -21.14
N GLN B 3 1.40 -21.69 -20.17
CA GLN B 3 1.28 -20.24 -20.15
C GLN B 3 2.22 -19.66 -19.10
N LYS B 4 3.03 -18.68 -19.49
CA LYS B 4 3.95 -18.01 -18.57
C LYS B 4 3.98 -16.52 -18.89
N VAL B 5 4.08 -15.71 -17.85
CA VAL B 5 4.24 -14.26 -17.97
C VAL B 5 5.38 -13.83 -17.05
N THR B 6 6.30 -13.03 -17.59
CA THR B 6 7.51 -12.62 -16.86
C THR B 6 7.72 -11.13 -17.02
N GLN B 7 7.79 -10.43 -15.89
CA GLN B 7 8.15 -9.02 -15.84
C GLN B 7 9.49 -8.89 -15.14
N ALA B 8 10.57 -8.77 -15.92
CA ALA B 8 11.91 -8.87 -15.36
C ALA B 8 12.29 -7.66 -14.52
N GLN B 9 11.78 -6.47 -14.85
CA GLN B 9 12.04 -5.29 -14.03
C GLN B 9 11.33 -5.42 -12.68
N SER B 10 12.05 -5.13 -11.59
CA SER B 10 11.42 -5.17 -10.27
C SER B 10 10.89 -3.79 -9.85
N SER B 11 11.67 -2.74 -10.07
CA SER B 11 11.28 -1.40 -9.67
C SER B 11 12.00 -0.38 -10.55
N VAL B 12 11.30 0.69 -10.91
CA VAL B 12 11.87 1.77 -11.70
C VAL B 12 11.45 3.11 -11.11
N SER B 13 12.32 4.10 -11.25
CA SER B 13 12.04 5.48 -10.89
C SER B 13 12.25 6.37 -12.10
N MET B 14 11.36 7.35 -12.28
CA MET B 14 11.38 8.22 -13.44
C MET B 14 10.81 9.58 -13.05
N PRO B 15 11.35 10.68 -13.59
CA PRO B 15 10.80 12.00 -13.28
C PRO B 15 9.42 12.23 -13.90
N VAL B 16 8.70 13.18 -13.31
CA VAL B 16 7.43 13.65 -13.88
C VAL B 16 7.65 14.15 -15.31
N ARG B 17 6.57 14.12 -16.09
CA ARG B 17 6.53 14.59 -17.47
C ARG B 17 7.33 13.72 -18.43
N LYS B 18 8.12 12.78 -17.90
CA LYS B 18 8.89 11.86 -18.72
C LYS B 18 8.05 10.64 -19.04
N ALA B 19 8.67 9.62 -19.64
CA ALA B 19 7.99 8.39 -19.98
C ALA B 19 8.72 7.20 -19.35
N VAL B 20 7.99 6.11 -19.17
CA VAL B 20 8.56 4.87 -18.66
C VAL B 20 8.01 3.72 -19.48
N THR B 21 8.86 2.74 -19.78
CA THR B 21 8.47 1.53 -20.51
C THR B 21 8.62 0.33 -19.59
N LEU B 22 7.54 -0.43 -19.42
CA LEU B 22 7.49 -1.59 -18.54
C LEU B 22 7.43 -2.85 -19.40
N ASN B 23 8.45 -3.69 -19.29
CA ASN B 23 8.57 -4.82 -20.19
C ASN B 23 7.74 -6.01 -19.70
N CYS B 24 7.31 -6.83 -20.65
CA CYS B 24 6.58 -8.06 -20.36
C CYS B 24 6.87 -9.08 -21.44
N LEU B 25 7.41 -10.22 -21.03
CA LEU B 25 7.71 -11.34 -21.91
C LEU B 25 6.84 -12.52 -21.51
N TYR B 26 6.21 -13.16 -22.47
CA TYR B 26 5.28 -14.24 -22.17
C TYR B 26 5.58 -15.47 -23.03
N GLU B 27 5.05 -16.60 -22.58
CA GLU B 27 5.06 -17.84 -23.34
C GLU B 27 3.63 -18.36 -23.40
N THR B 28 3.21 -18.82 -24.57
CA THR B 28 1.84 -19.29 -24.72
C THR B 28 1.75 -20.30 -25.85
N SER B 29 0.88 -21.29 -25.65
CA SER B 29 0.48 -22.22 -26.69
C SER B 29 -0.82 -21.80 -27.36
N TRP B 30 -1.44 -20.72 -26.90
CA TRP B 30 -2.71 -20.27 -27.49
C TRP B 30 -2.46 -19.59 -28.83
N TRP B 31 -3.34 -19.86 -29.79
CA TRP B 31 -3.19 -19.30 -31.13
C TRP B 31 -3.62 -17.84 -31.19
N SER B 32 -4.66 -17.49 -30.44
CA SER B 32 -5.09 -16.11 -30.31
C SER B 32 -5.32 -15.83 -28.83
N TYR B 33 -4.95 -14.63 -28.39
CA TYR B 33 -4.94 -14.33 -26.97
C TYR B 33 -4.94 -12.81 -26.80
N TYR B 34 -5.02 -12.39 -25.55
CA TYR B 34 -4.99 -10.98 -25.20
C TYR B 34 -4.00 -10.78 -24.05
N ILE B 35 -3.31 -9.65 -24.10
CA ILE B 35 -2.48 -9.18 -23.00
C ILE B 35 -3.20 -8.01 -22.36
N PHE B 36 -3.27 -8.02 -21.03
CA PHE B 36 -3.91 -6.96 -20.26
C PHE B 36 -2.89 -6.34 -19.33
N TRP B 37 -2.94 -5.02 -19.20
CA TRP B 37 -2.13 -4.30 -18.22
C TRP B 37 -3.03 -3.75 -17.14
N TYR B 38 -2.67 -3.99 -15.88
CA TYR B 38 -3.38 -3.48 -14.73
C TYR B 38 -2.45 -2.63 -13.87
N LYS B 39 -3.06 -1.69 -13.16
CA LYS B 39 -2.37 -0.83 -12.21
C LYS B 39 -2.84 -1.20 -10.81
N GLN B 40 -1.91 -1.59 -9.94
CA GLN B 40 -2.24 -2.00 -8.58
C GLN B 40 -1.83 -0.91 -7.60
N LEU B 41 -2.81 -0.36 -6.88
CA LEU B 41 -2.68 0.74 -5.93
C LEU B 41 -2.43 0.23 -4.52
N PRO B 42 -1.77 1.03 -3.68
CA PRO B 42 -1.56 0.62 -2.28
C PRO B 42 -2.86 0.37 -1.53
N SER B 43 -3.98 0.95 -1.97
CA SER B 43 -5.26 0.63 -1.36
C SER B 43 -5.71 -0.80 -1.64
N LYS B 44 -4.92 -1.56 -2.42
CA LYS B 44 -5.27 -2.91 -2.87
C LYS B 44 -6.45 -2.84 -3.84
N GLU B 45 -6.22 -2.11 -4.92
CA GLU B 45 -7.13 -2.03 -6.06
C GLU B 45 -6.35 -2.44 -7.31
N MET B 46 -7.00 -3.21 -8.17
CA MET B 46 -6.39 -3.75 -9.37
C MET B 46 -7.15 -3.15 -10.55
N ILE B 47 -6.58 -2.12 -11.18
CA ILE B 47 -7.31 -1.24 -12.08
C ILE B 47 -6.87 -1.53 -13.51
N PHE B 48 -7.84 -1.87 -14.37
CA PHE B 48 -7.55 -2.15 -15.76
C PHE B 48 -7.09 -0.88 -16.48
N LEU B 49 -6.04 -1.01 -17.29
CA LEU B 49 -5.49 0.11 -18.04
C LEU B 49 -5.72 -0.03 -19.53
N ILE B 50 -5.25 -1.12 -20.15
CA ILE B 50 -5.25 -1.25 -21.59
C ILE B 50 -5.12 -2.72 -21.95
N ARG B 51 -5.64 -3.10 -23.10
CA ARG B 51 -5.60 -4.46 -23.59
C ARG B 51 -4.93 -4.51 -24.96
N GLN B 52 -4.12 -5.54 -25.19
CA GLN B 52 -3.48 -5.76 -26.48
C GLN B 52 -3.92 -7.09 -27.05
N GLY B 53 -4.55 -7.06 -28.22
CA GLY B 53 -4.92 -8.29 -28.91
C GLY B 53 -3.79 -8.82 -29.76
N SER B 54 -3.71 -10.16 -29.84
CA SER B 54 -2.60 -10.81 -30.52
C SER B 54 -2.63 -10.61 -32.03
N ASP B 55 -3.78 -10.22 -32.59
CA ASP B 55 -3.89 -9.93 -34.01
C ASP B 55 -4.15 -8.45 -34.29
N GLU B 56 -4.11 -7.61 -33.26
CA GLU B 56 -4.42 -6.20 -33.40
C GLU B 56 -3.14 -5.38 -33.53
N GLN B 57 -3.29 -4.17 -34.09
CA GLN B 57 -2.19 -3.23 -34.11
C GLN B 57 -1.90 -2.76 -32.67
N ASN B 58 -0.78 -2.05 -32.52
CA ASN B 58 -0.37 -1.59 -31.20
C ASN B 58 -1.48 -0.79 -30.53
N ALA B 59 -1.82 -1.17 -29.31
CA ALA B 59 -2.90 -0.53 -28.59
C ALA B 59 -2.48 0.84 -28.05
N LYS B 60 -3.44 1.75 -27.97
CA LYS B 60 -3.17 3.09 -27.50
C LYS B 60 -4.39 3.61 -26.77
N SER B 61 -4.19 4.21 -25.60
CA SER B 61 -5.29 4.70 -24.78
C SER B 61 -4.73 5.82 -23.90
N GLY B 62 -4.96 7.06 -24.30
CA GLY B 62 -4.49 8.18 -23.51
C GLY B 62 -2.97 8.14 -23.40
N ARG B 63 -2.48 8.26 -22.16
CA ARG B 63 -1.04 8.23 -21.92
C ARG B 63 -0.48 6.82 -21.92
N TYR B 64 -1.31 5.80 -22.19
CA TYR B 64 -0.86 4.41 -22.23
C TYR B 64 -0.73 3.93 -23.67
N SER B 65 0.38 3.27 -23.98
CA SER B 65 0.56 2.67 -25.29
C SER B 65 1.34 1.38 -25.16
N VAL B 66 0.99 0.39 -25.99
CA VAL B 66 1.64 -0.92 -25.99
C VAL B 66 2.48 -1.06 -27.24
N ASN B 67 3.71 -1.54 -27.08
CA ASN B 67 4.57 -1.91 -28.21
C ASN B 67 4.59 -3.43 -28.27
N PHE B 68 3.74 -4.00 -29.14
CA PHE B 68 3.50 -5.43 -29.21
C PHE B 68 4.37 -6.03 -30.31
N LYS B 69 5.36 -6.84 -29.91
CA LYS B 69 6.23 -7.54 -30.85
C LYS B 69 5.87 -9.03 -30.77
N LYS B 70 4.99 -9.46 -31.68
CA LYS B 70 4.43 -10.81 -31.57
C LYS B 70 5.50 -11.88 -31.73
N ALA B 71 6.37 -11.76 -32.74
CA ALA B 71 7.38 -12.79 -32.97
C ALA B 71 8.31 -12.93 -31.78
N ALA B 72 8.49 -11.88 -31.01
CA ALA B 72 9.32 -11.92 -29.80
C ALA B 72 8.51 -12.21 -28.55
N LYS B 73 7.18 -12.33 -28.67
CA LYS B 73 6.29 -12.43 -27.52
C LYS B 73 6.68 -11.42 -26.44
N SER B 74 6.79 -10.16 -26.87
CA SER B 74 7.14 -9.03 -26.02
C SER B 74 6.02 -8.01 -26.09
N VAL B 75 5.64 -7.44 -24.95
CA VAL B 75 4.47 -6.58 -24.92
C VAL B 75 4.65 -5.47 -23.90
N ALA B 76 5.48 -4.49 -24.25
CA ALA B 76 5.88 -3.44 -23.33
C ALA B 76 4.81 -2.35 -23.24
N LEU B 77 4.53 -1.93 -22.01
CA LEU B 77 3.65 -0.79 -21.75
C LEU B 77 4.50 0.45 -21.53
N THR B 78 4.22 1.50 -22.30
CA THR B 78 4.82 2.81 -22.10
C THR B 78 3.78 3.73 -21.48
N ILE B 79 4.15 4.42 -20.41
CA ILE B 79 3.33 5.46 -19.80
C ILE B 79 4.00 6.79 -20.09
N SER B 80 3.31 7.67 -20.80
CA SER B 80 3.86 8.96 -21.21
C SER B 80 3.42 10.08 -20.28
N ALA B 81 4.20 11.14 -20.24
CA ALA B 81 3.89 12.36 -19.50
C ALA B 81 3.52 12.04 -18.05
N LEU B 82 4.49 11.45 -17.36
CA LEU B 82 4.23 10.83 -16.07
C LEU B 82 3.75 11.85 -15.04
N GLN B 83 2.82 11.41 -14.20
CA GLN B 83 2.36 12.17 -13.06
C GLN B 83 2.71 11.42 -11.78
N LEU B 84 2.80 12.17 -10.69
CA LEU B 84 3.00 11.56 -9.38
C LEU B 84 1.97 10.46 -9.12
N GLU B 85 0.73 10.65 -9.56
CA GLU B 85 -0.30 9.63 -9.33
C GLU B 85 -0.09 8.38 -10.17
N ASP B 86 0.90 8.38 -11.07
CA ASP B 86 1.23 7.15 -11.78
C ASP B 86 2.06 6.18 -10.95
N SER B 87 2.52 6.60 -9.77
CA SER B 87 3.22 5.68 -8.88
C SER B 87 2.29 4.55 -8.46
N ALA B 88 2.68 3.32 -8.78
CA ALA B 88 1.87 2.13 -8.56
C ALA B 88 2.72 0.93 -8.95
N LYS B 89 2.12 -0.25 -8.86
CA LYS B 89 2.75 -1.49 -9.31
C LYS B 89 1.95 -2.00 -10.51
N TYR B 90 2.64 -2.24 -11.62
CA TYR B 90 1.99 -2.52 -12.88
C TYR B 90 2.12 -4.00 -13.23
N PHE B 91 1.01 -4.61 -13.60
CA PHE B 91 0.93 -6.05 -13.82
C PHE B 91 0.57 -6.33 -15.26
N CYS B 92 1.31 -7.25 -15.86
CA CYS B 92 1.02 -7.78 -17.19
C CYS B 92 0.32 -9.12 -17.02
N ALA B 93 -0.77 -9.32 -17.76
CA ALA B 93 -1.55 -10.55 -17.65
C ALA B 93 -1.93 -11.07 -19.03
N LEU B 94 -1.97 -12.39 -19.14
CA LEU B 94 -2.29 -13.08 -20.38
C LEU B 94 -3.62 -13.81 -20.24
N GLY B 95 -4.45 -13.72 -21.27
CA GLY B 95 -5.75 -14.37 -21.24
C GLY B 95 -6.12 -14.88 -22.62
N GLU B 96 -6.93 -15.94 -22.63
CA GLU B 96 -7.35 -16.57 -23.86
C GLU B 96 -8.68 -15.97 -24.32
N LEU B 97 -8.86 -15.89 -25.63
CA LEU B 97 -9.97 -15.11 -26.15
C LEU B 97 -11.23 -15.95 -26.42
N ARG B 98 -11.09 -17.21 -26.83
CA ARG B 98 -12.25 -17.99 -27.25
C ARG B 98 -13.17 -18.28 -26.08
N TRP B 99 -12.61 -18.82 -24.99
CA TRP B 99 -13.34 -19.09 -23.75
C TRP B 99 -12.60 -18.32 -22.67
N PRO B 100 -12.91 -17.03 -22.48
CA PRO B 100 -12.21 -16.24 -21.45
C PRO B 100 -12.37 -16.88 -20.08
N ASP B 101 -11.22 -17.17 -19.47
CA ASP B 101 -11.18 -17.92 -18.22
C ASP B 101 -10.26 -17.18 -17.24
N LYS B 102 -9.12 -17.78 -16.92
CA LYS B 102 -8.27 -17.12 -15.95
C LYS B 102 -7.27 -16.22 -16.65
N LEU B 103 -6.69 -15.31 -15.88
CA LEU B 103 -5.58 -14.49 -16.33
C LEU B 103 -4.31 -15.02 -15.66
N ILE B 104 -3.25 -15.15 -16.43
CA ILE B 104 -1.94 -15.48 -15.90
C ILE B 104 -1.14 -14.20 -15.77
N PHE B 105 -0.77 -13.86 -14.54
CA PHE B 105 -0.09 -12.60 -14.22
C PHE B 105 1.42 -12.78 -14.14
N GLY B 106 2.14 -11.70 -14.39
CA GLY B 106 3.52 -11.59 -13.97
C GLY B 106 3.60 -11.12 -12.53
N LYS B 107 4.83 -10.94 -12.06
CA LYS B 107 5.04 -10.50 -10.68
C LYS B 107 4.92 -9.00 -10.50
N GLY B 108 4.76 -8.23 -11.58
CA GLY B 108 4.55 -6.81 -11.38
C GLY B 108 5.85 -6.03 -11.34
N THR B 109 5.77 -4.77 -11.76
CA THR B 109 6.89 -3.85 -11.77
C THR B 109 6.46 -2.55 -11.11
N ARG B 110 7.13 -2.18 -10.03
CA ARG B 110 6.79 -0.96 -9.33
C ARG B 110 7.38 0.25 -10.05
N VAL B 111 6.58 1.31 -10.16
CA VAL B 111 7.01 2.57 -10.73
C VAL B 111 6.90 3.63 -9.66
N THR B 112 7.99 4.37 -9.44
CA THR B 112 7.99 5.51 -8.53
C THR B 112 8.28 6.77 -9.36
N VAL B 113 7.31 7.66 -9.43
CA VAL B 113 7.48 8.90 -10.19
C VAL B 113 7.99 9.98 -9.25
N GLU B 114 9.06 10.64 -9.65
CA GLU B 114 9.69 11.59 -8.76
C GLU B 114 9.49 13.01 -9.25
N PRO B 115 9.30 13.98 -8.35
CA PRO B 115 9.06 15.35 -8.77
C PRO B 115 10.32 15.98 -9.34
N ASN B 116 10.12 16.99 -10.17
CA ASN B 116 11.23 17.78 -10.70
C ASN B 116 11.40 18.99 -9.77
N ILE B 117 12.36 18.88 -8.85
CA ILE B 117 12.62 19.94 -7.89
C ILE B 117 13.46 21.00 -8.61
N GLN B 118 12.79 22.06 -9.10
CA GLN B 118 13.48 23.05 -9.91
C GLN B 118 14.40 23.93 -9.06
N ASN B 119 14.11 24.09 -7.77
CA ASN B 119 14.91 24.93 -6.89
C ASN B 119 15.11 24.17 -5.58
N PRO B 120 16.05 23.24 -5.54
CA PRO B 120 16.28 22.47 -4.31
C PRO B 120 16.77 23.34 -3.17
N ASP B 121 16.48 22.89 -1.95
CA ASP B 121 16.97 23.60 -0.77
C ASP B 121 17.26 22.60 0.34
N PRO B 122 18.17 21.65 0.11
CA PRO B 122 18.33 20.53 1.05
C PRO B 122 18.69 21.03 2.45
N ALA B 123 18.02 20.44 3.45
CA ALA B 123 18.19 20.89 4.82
C ALA B 123 17.70 19.78 5.75
N VAL B 124 18.36 19.68 6.90
CA VAL B 124 18.01 18.72 7.94
C VAL B 124 17.57 19.50 9.17
N TYR B 125 16.36 19.22 9.64
CA TYR B 125 15.78 19.92 10.77
C TYR B 125 15.46 18.94 11.89
N GLN B 126 15.42 19.46 13.11
CA GLN B 126 15.05 18.67 14.28
C GLN B 126 13.69 19.15 14.78
N LEU B 127 12.80 18.19 15.04
CA LEU B 127 11.43 18.46 15.45
C LEU B 127 11.17 17.81 16.80
N ARG B 128 10.59 18.57 17.74
CA ARG B 128 10.31 18.07 19.07
C ARG B 128 8.89 17.52 19.15
N ASP B 129 8.72 16.49 19.99
CA ASP B 129 7.41 15.95 20.28
C ASP B 129 6.51 17.06 20.84
N SER B 130 5.26 17.09 20.35
CA SER B 130 4.28 18.07 20.81
C SER B 130 3.83 17.84 22.25
N LYS B 131 4.00 16.62 22.77
CA LYS B 131 3.64 16.32 24.15
C LYS B 131 4.82 16.00 25.05
N SER B 132 5.99 15.68 24.50
CA SER B 132 7.10 15.24 25.32
C SER B 132 8.31 16.16 25.26
N SER B 133 8.64 16.68 24.07
CA SER B 133 9.73 17.64 23.85
C SER B 133 11.11 16.99 24.02
N ASP B 134 11.24 16.01 24.91
CA ASP B 134 12.48 15.24 24.98
C ASP B 134 12.57 14.20 23.87
N LYS B 135 11.44 13.81 23.28
CA LYS B 135 11.42 12.94 22.11
C LYS B 135 11.50 13.79 20.86
N SER B 136 12.25 13.33 19.86
CA SER B 136 12.42 14.13 18.66
C SER B 136 12.60 13.23 17.45
N VAL B 137 12.40 13.82 16.29
CA VAL B 137 12.69 13.20 15.02
C VAL B 137 13.48 14.19 14.18
N CYS B 138 14.16 13.67 13.16
CA CYS B 138 14.90 14.49 12.22
C CYS B 138 14.20 14.46 10.87
N LEU B 139 14.15 15.61 10.21
CA LEU B 139 13.47 15.75 8.94
C LEU B 139 14.49 16.20 7.90
N PHE B 140 14.74 15.34 6.90
CA PHE B 140 15.52 15.73 5.73
C PHE B 140 14.53 16.13 4.64
N THR B 141 14.65 17.37 4.14
CA THR B 141 13.61 17.88 3.25
C THR B 141 14.21 18.80 2.20
N ASP B 142 13.42 19.01 1.14
CA ASP B 142 13.67 19.94 0.05
C ASP B 142 14.89 19.56 -0.79
N PHE B 143 15.29 18.30 -0.76
CA PHE B 143 16.36 17.85 -1.63
C PHE B 143 15.79 17.41 -2.97
N ASP B 144 16.68 17.35 -3.97
CA ASP B 144 16.22 16.97 -5.29
C ASP B 144 16.03 15.45 -5.38
N SER B 145 15.41 15.01 -6.46
CA SER B 145 15.00 13.61 -6.53
C SER B 145 16.15 12.67 -6.83
N GLN B 146 17.26 13.19 -7.35
CA GLN B 146 18.46 12.37 -7.55
C GLN B 146 19.20 12.10 -6.25
N THR B 147 18.75 12.67 -5.14
CA THR B 147 19.42 12.47 -3.85
C THR B 147 19.19 11.05 -3.35
N ASN B 148 20.26 10.37 -2.97
CA ASN B 148 20.19 9.01 -2.46
C ASN B 148 20.17 9.07 -0.94
N VAL B 149 18.99 8.95 -0.36
CA VAL B 149 18.85 8.96 1.09
C VAL B 149 19.54 7.73 1.66
N SER B 150 20.60 7.94 2.44
CA SER B 150 21.36 6.82 2.98
C SER B 150 20.55 6.06 4.01
N GLN B 151 20.69 4.73 3.98
CA GLN B 151 19.99 3.88 4.91
C GLN B 151 20.75 3.81 6.23
N SER B 152 20.01 3.50 7.31
CA SER B 152 20.58 3.51 8.64
C SER B 152 21.61 2.39 8.81
N LYS B 153 22.76 2.75 9.37
CA LYS B 153 23.79 1.78 9.74
C LYS B 153 23.77 1.45 11.23
N ASP B 154 22.58 1.45 11.83
CA ASP B 154 22.43 1.26 13.27
C ASP B 154 21.11 0.53 13.53
N SER B 155 21.12 -0.34 14.54
CA SER B 155 19.91 -1.08 14.88
C SER B 155 18.86 -0.17 15.51
N ASP B 156 19.29 0.77 16.35
CA ASP B 156 18.39 1.63 17.09
C ASP B 156 18.07 2.93 16.35
N VAL B 157 18.46 3.06 15.08
CA VAL B 157 18.20 4.26 14.28
C VAL B 157 17.36 3.85 13.08
N TYR B 158 16.20 4.50 12.92
CA TYR B 158 15.28 4.22 11.83
C TYR B 158 15.30 5.38 10.84
N ILE B 159 15.35 5.04 9.55
CA ILE B 159 15.33 6.04 8.48
C ILE B 159 14.27 5.60 7.48
N THR B 160 13.30 6.47 7.22
CA THR B 160 12.25 6.14 6.27
C THR B 160 12.73 6.35 4.83
N ASP B 161 12.00 5.76 3.90
CA ASP B 161 12.14 6.13 2.51
C ASP B 161 11.64 7.57 2.33
N LYS B 162 11.88 8.11 1.15
CA LYS B 162 11.42 9.46 0.85
C LYS B 162 10.01 9.44 0.26
N CYS B 163 9.25 10.49 0.54
CA CYS B 163 8.00 10.70 -0.16
C CYS B 163 7.89 12.16 -0.58
N VAL B 164 7.06 12.40 -1.58
CA VAL B 164 6.84 13.73 -2.12
C VAL B 164 5.46 14.20 -1.68
N LEU B 165 5.40 15.41 -1.15
CA LEU B 165 4.13 16.05 -0.84
C LEU B 165 3.89 17.19 -1.82
N ASP B 166 2.62 17.51 -2.04
CA ASP B 166 2.19 18.48 -3.04
C ASP B 166 1.33 19.52 -2.35
N MET B 167 1.90 20.70 -2.10
CA MET B 167 1.14 21.83 -1.56
C MET B 167 0.41 22.47 -2.74
N ARG B 168 -0.80 21.95 -3.00
CA ARG B 168 -1.52 22.21 -4.25
C ARG B 168 -2.00 23.65 -4.38
N SER B 169 -2.10 24.37 -3.27
CA SER B 169 -2.51 25.77 -3.33
C SER B 169 -1.33 26.70 -3.64
N MET B 170 -0.12 26.13 -3.78
CA MET B 170 1.10 26.90 -3.99
C MET B 170 1.94 26.40 -5.16
N ASP B 171 1.46 25.42 -5.92
CA ASP B 171 2.22 24.84 -7.03
C ASP B 171 3.64 24.47 -6.59
N PHE B 172 3.73 23.77 -5.47
CA PHE B 172 5.01 23.46 -4.82
C PHE B 172 5.01 22.01 -4.37
N LYS B 173 6.03 21.26 -4.79
CA LYS B 173 6.22 19.89 -4.32
C LYS B 173 7.61 19.77 -3.70
N SER B 174 7.73 18.87 -2.73
CA SER B 174 9.01 18.68 -2.06
C SER B 174 9.15 17.24 -1.58
N ASN B 175 10.38 16.75 -1.61
CA ASN B 175 10.75 15.45 -1.05
C ASN B 175 11.07 15.60 0.42
N SER B 176 10.90 14.51 1.17
CA SER B 176 11.35 14.46 2.55
C SER B 176 11.56 13.02 2.98
N ALA B 177 12.40 12.84 4.01
CA ALA B 177 12.56 11.59 4.73
C ALA B 177 12.70 11.90 6.22
N VAL B 178 12.33 10.94 7.06
CA VAL B 178 12.32 11.13 8.51
C VAL B 178 13.27 10.12 9.16
N ALA B 179 14.01 10.57 10.17
CA ALA B 179 14.85 9.69 10.97
C ALA B 179 14.53 9.88 12.44
N TRP B 180 14.56 8.78 13.19
CA TRP B 180 14.37 8.88 14.63
C TRP B 180 15.07 7.73 15.33
N SER B 181 15.34 7.92 16.61
CA SER B 181 15.99 6.93 17.44
C SER B 181 15.60 7.15 18.88
N ASN B 182 15.65 6.07 19.66
CA ASN B 182 15.42 6.15 21.10
C ASN B 182 16.76 6.07 21.82
N LYS B 183 17.57 7.10 21.58
CA LYS B 183 18.88 7.21 22.21
C LYS B 183 19.26 8.68 22.27
N SER B 184 19.69 9.13 23.45
CA SER B 184 20.07 10.53 23.62
C SER B 184 21.25 10.91 22.73
N ASP B 185 22.06 9.93 22.32
CA ASP B 185 23.20 10.17 21.44
C ASP B 185 22.81 10.18 19.96
N PHE B 186 21.72 10.85 19.61
CA PHE B 186 21.25 10.92 18.24
C PHE B 186 21.39 12.34 17.73
N ALA B 187 22.21 12.51 16.70
CA ALA B 187 22.40 13.80 16.06
C ALA B 187 21.77 13.78 14.68
N CYS B 188 20.92 14.77 14.40
CA CYS B 188 20.30 14.86 13.08
C CYS B 188 21.34 15.02 11.98
N ALA B 189 22.47 15.68 12.28
CA ALA B 189 23.51 15.89 11.27
C ALA B 189 24.01 14.55 10.73
N ASN B 190 24.48 13.68 11.62
CA ASN B 190 25.00 12.38 11.23
C ASN B 190 23.89 11.35 10.97
N ALA B 191 22.63 11.73 11.12
CA ALA B 191 21.53 10.80 10.90
C ALA B 191 21.42 10.40 9.44
N PHE B 192 21.43 11.39 8.54
CA PHE B 192 21.28 11.14 7.11
C PHE B 192 22.61 11.06 6.37
N ASN B 193 23.72 11.05 7.10
CA ASN B 193 25.05 10.77 6.55
C ASN B 193 25.42 11.75 5.43
N ASN B 194 25.28 13.04 5.74
CA ASN B 194 25.64 14.08 4.78
C ASN B 194 27.07 14.55 4.99
#